data_9D6F
#
_entry.id   9D6F
#
_cell.length_a   1.00
_cell.length_b   1.00
_cell.length_c   1.00
_cell.angle_alpha   90.00
_cell.angle_beta   90.00
_cell.angle_gamma   90.00
#
_symmetry.space_group_name_H-M   'P 1'
#
loop_
_entity.id
_entity.type
_entity.pdbx_description
1 polymer '440-2 Fab light chain'
2 polymer '440-2 Fab heavy chain'
3 polymer '445-3 Fab heavy chain'
4 polymer '445-3 Fab light chain'
5 polymer "Type 1 fimbrin D-mannose specific adhesin FimH, Donor strand complemented with FimG peptide 'triple mutant'"
#
loop_
_entity_poly.entity_id
_entity_poly.type
_entity_poly.pdbx_seq_one_letter_code
_entity_poly.pdbx_strand_id
1 'polypeptide(L)'
;SPDIVMTQAAFSNPVTLGTSASISCSSSKSLLHSNGITYLYWYLQRPGQSPQLLIYRMSNLASGVPDRFSGSGSGTDFAL
RISRVETEDVGVYYCAQMLERPYTFGSGTKLEIKRADAAPTVSIFPPSSEQLTSGGASVVCFLNNFYPKDINVKWKIDGS
ERQNGVLNSWTDQDSKDSTYSMSSTLTLTKDEYERHNSYTCEATHKTSTSPIVKSFNRNEC
;
L
2 'polypeptide(L)'
;SPQVQLTQSGAELVKPGASVKISCKASGYTFTDYYINWVKQRPGQGLEWIGKIGPGNNSTYYKENFEGKATLTADKSFST
AYMQLSSLTSEDSAVYFCARWGYLWSTGGGFDYWGHGTTLTVSSAKTTAPSVYPLAPVCGDTTGSSVTLGCLVKGYFPEP
VTLTWNSGSLSSGVHTFPAVLQSDLYTLSSSVTVTSSTWPSQSITCNVAHPASSTKVDKKIGGGHHHHHH
;
H
3 'polypeptide(L)'
;SPQVQLQQSGSELAKPGASVKLSCKASGYTFTRYWMHWVKQRPGQGLEWIGYSNPSSGYTNFNQKFKDKAALTADTSSNT
AYIQLNGLTFEDSAVYFCARDGDPPFVYWGQGTLVTVSAAKTTAPSVYPLAPVCGDTTGSSVTLGCLVKGYFPEPVTLTW
NSGSLSSGVHTFPAVLQSDLYTLSSSVTVTSSTWPSQSITCNVAHPASSTKVDKKIGGGHHHHHH
;
A
4 'polypeptide(L)'
;SPDIQMTQSPASLSASVGETVTITCRASENIYSNLAWYQQKQGKSPQLLVDGATNLADGVPSRFSGSGSGTQFSLKINSV
QSEDFGNYYCQHFYGTPFTFGTGTKLEMKRADAAPTVSIFPPSSEQLTSGGASVVCFLNNFYPKDINVKWKIDGSERQNG
VLNSWTDQDSKDSTYSMSSTLTLTKDEYERHNSYTCEATHKTSTSPIVKSFNRNEC
;
C
5 'polypeptide(L)'
;FACKTASGTAIPIGAASANVYVNLAPAVNVGQNLVVDLSTQIFCHNDYPETITDYVTLQRGSAYGGVLSSFSGTVKYSGS
SYPFPTTSETPRVVYNSRTDKPWPVALYLTPVSSAGGVAIKAGSLIAVLILRQTNNYNSDDFQFVWNIYANNDVVVPTGG
CDVSARDVTVTLPDYPGSVPIPLTVYCAKSQNLGYYLSGTTADAGNSIFTNTASFSPAQGVGVQLTRQGTIIPANNTVSL
GAVGTSAVSLGLTANYARTGGQVTAGNVQSIIGVTFVYQGGSSGGGADVTITVNGKVVAKGGHHHHHHHH
;
D
#
# COMPACT_ATOMS: atom_id res chain seq x y z
N ILE A 4 -3.12 31.28 14.58
CA ILE A 4 -1.73 31.68 14.73
C ILE A 4 -1.52 33.06 14.12
N VAL A 5 -1.01 33.98 14.93
CA VAL A 5 -0.86 35.37 14.51
C VAL A 5 0.30 35.47 13.52
N MET A 6 0.03 36.11 12.38
CA MET A 6 1.01 36.29 11.33
C MET A 6 0.96 37.72 10.83
N THR A 7 2.14 38.31 10.59
CA THR A 7 2.25 39.67 10.10
C THR A 7 2.84 39.67 8.70
N GLN A 8 2.58 40.75 7.97
CA GLN A 8 3.07 40.89 6.61
C GLN A 8 4.53 41.34 6.59
N PHE A 11 1.35 47.31 3.19
CA PHE A 11 1.25 47.11 1.75
C PHE A 11 2.58 46.67 1.16
N SER A 12 3.04 47.39 0.14
CA SER A 12 4.27 47.05 -0.57
C SER A 12 5.14 48.29 -0.72
N ASN A 13 6.44 48.05 -0.88
CA ASN A 13 7.38 49.11 -1.18
C ASN A 13 7.20 49.59 -2.61
N PRO A 14 7.63 50.82 -2.91
CA PRO A 14 7.71 51.27 -4.31
C PRO A 14 8.55 50.33 -5.15
N VAL A 15 8.06 50.03 -6.35
CA VAL A 15 8.68 49.05 -7.24
C VAL A 15 9.07 49.76 -8.53
N THR A 16 10.34 49.61 -8.90
CA THR A 16 10.81 50.13 -10.18
C THR A 16 10.15 49.33 -11.31
N LEU A 17 9.80 50.04 -12.39
CA LEU A 17 9.05 49.44 -13.50
C LEU A 17 9.88 48.37 -14.19
N GLY A 18 9.47 47.11 -14.03
CA GLY A 18 10.08 46.01 -14.77
C GLY A 18 11.42 45.55 -14.28
N THR A 19 11.64 45.45 -12.97
CA THR A 19 12.91 44.96 -12.43
C THR A 19 12.71 43.80 -11.47
N SER A 20 12.23 44.05 -10.25
CA SER A 20 12.12 43.00 -9.25
C SER A 20 11.14 43.44 -8.18
N ALA A 21 10.65 42.47 -7.42
CA ALA A 21 9.81 42.72 -6.25
C ALA A 21 10.29 41.83 -5.10
N SER A 22 10.25 42.38 -3.89
CA SER A 22 10.75 41.69 -2.71
C SER A 22 9.77 41.93 -1.55
N ILE A 23 8.99 40.91 -1.22
CA ILE A 23 8.07 40.94 -0.08
C ILE A 23 8.34 39.74 0.80
N SER A 24 8.08 39.91 2.10
CA SER A 24 8.50 38.95 3.11
C SER A 24 7.32 38.48 3.95
N CYS A 25 7.37 37.21 4.35
CA CYS A 25 6.42 36.61 5.27
C CYS A 25 7.14 36.26 6.55
N SER A 26 6.70 36.83 7.67
CA SER A 26 7.29 36.56 8.97
C SER A 26 6.34 35.73 9.82
N SER A 27 6.88 34.71 10.47
CA SER A 27 6.09 33.79 11.28
C SER A 27 6.45 33.95 12.74
N SER A 28 5.44 33.84 13.60
CA SER A 28 5.67 33.81 15.04
C SER A 28 6.33 32.51 15.49
N LYS A 29 6.27 31.47 14.68
CA LYS A 29 6.95 30.21 14.97
C LYS A 29 7.35 29.53 13.66
N SER A 30 8.65 29.38 13.44
CA SER A 30 9.13 28.84 12.17
C SER A 30 8.85 27.34 12.08
N LEU A 31 8.92 26.82 10.85
CA LEU A 31 8.63 25.42 10.58
C LEU A 31 9.80 24.77 9.86
N LEU A 32 10.58 23.99 10.60
CA LEU A 32 11.61 23.11 10.06
C LEU A 32 11.56 21.81 10.85
N HIS A 33 11.15 20.74 10.18
CA HIS A 33 10.86 19.47 10.87
C HIS A 33 11.67 18.34 10.24
N SER A 34 12.79 18.01 10.89
CA SER A 34 13.61 16.81 10.64
C SER A 34 14.21 16.89 9.23
N ASN A 35 13.44 16.69 8.17
CA ASN A 35 14.02 16.45 6.84
C ASN A 35 14.41 17.76 6.17
N GLY A 36 14.16 18.88 6.85
CA GLY A 36 14.59 20.17 6.35
C GLY A 36 13.86 20.66 5.12
N ILE A 37 12.54 20.54 5.12
CA ILE A 37 11.70 21.10 4.07
C ILE A 37 10.79 22.14 4.72
N THR A 38 10.49 23.20 3.96
CA THR A 38 9.69 24.31 4.47
C THR A 38 8.28 24.21 3.93
N TYR A 39 7.30 24.35 4.82
CA TYR A 39 5.89 24.23 4.47
C TYR A 39 5.29 25.62 4.36
N LEU A 40 5.18 26.12 3.13
CA LEU A 40 4.53 27.40 2.88
C LEU A 40 3.55 27.23 1.73
N TYR A 41 2.80 28.28 1.46
CA TYR A 41 1.89 28.31 0.31
C TYR A 41 1.85 29.74 -0.22
N TRP A 42 1.51 29.89 -1.49
CA TRP A 42 1.70 31.17 -2.15
C TRP A 42 0.67 31.31 -3.25
N TYR A 43 -0.02 32.46 -3.30
CA TYR A 43 -1.15 32.63 -4.21
C TYR A 43 -1.06 33.96 -4.95
N LEU A 44 -1.93 34.10 -5.96
CA LEU A 44 -2.02 35.29 -6.79
C LEU A 44 -3.48 35.49 -7.17
N GLN A 45 -3.94 36.74 -7.19
CA GLN A 45 -5.27 37.05 -7.68
C GLN A 45 -5.29 38.43 -8.33
N ARG A 46 -6.32 38.64 -9.14
CA ARG A 46 -6.64 39.92 -9.75
C ARG A 46 -8.05 40.30 -9.31
N PRO A 47 -8.38 41.59 -9.32
CA PRO A 47 -9.76 41.99 -8.97
C PRO A 47 -10.78 41.41 -9.94
N GLY A 48 -11.87 40.90 -9.38
CA GLY A 48 -12.91 40.27 -10.17
C GLY A 48 -12.63 38.82 -10.50
N GLN A 49 -11.53 38.56 -11.19
CA GLN A 49 -11.19 37.21 -11.62
C GLN A 49 -10.69 36.38 -10.44
N SER A 50 -10.91 35.08 -10.50
CA SER A 50 -10.64 34.16 -9.40
C SER A 50 -9.14 34.00 -9.15
N PRO A 51 -8.75 33.74 -7.90
CA PRO A 51 -7.34 33.49 -7.59
C PRO A 51 -6.85 32.17 -8.17
N GLN A 52 -5.54 32.06 -8.35
CA GLN A 52 -4.92 30.83 -8.82
C GLN A 52 -3.70 30.51 -7.97
N LEU A 53 -3.36 29.23 -7.93
CA LEU A 53 -2.21 28.78 -7.17
C LEU A 53 -0.92 29.12 -7.91
N LEU A 54 0.15 29.31 -7.15
CA LEU A 54 1.43 29.67 -7.76
C LEU A 54 2.56 28.74 -7.29
N ILE A 55 2.87 28.76 -6.00
CA ILE A 55 4.01 28.02 -5.46
C ILE A 55 3.53 27.10 -4.34
N TYR A 56 3.90 25.83 -4.43
CA TYR A 56 3.63 24.86 -3.37
C TYR A 56 4.95 24.32 -2.85
N ARG A 57 4.94 23.91 -1.58
CA ARG A 57 6.13 23.48 -0.81
C ARG A 57 7.13 24.64 -0.84
N MET A 58 8.15 24.62 -1.69
CA MET A 58 9.14 25.69 -1.73
C MET A 58 9.84 25.62 -3.09
N SER A 59 9.59 26.63 -3.93
CA SER A 59 10.13 26.72 -5.30
C SER A 59 9.79 25.49 -6.14
N ASN A 60 8.53 25.05 -6.06
CA ASN A 60 8.03 23.98 -6.93
C ASN A 60 6.97 24.56 -7.84
N LEU A 61 7.19 24.46 -9.15
CA LEU A 61 6.31 25.07 -10.13
C LEU A 61 5.05 24.22 -10.27
N ALA A 62 3.94 24.87 -10.61
CA ALA A 62 2.66 24.18 -10.78
C ALA A 62 2.00 24.67 -12.06
N SER A 63 1.22 23.78 -12.68
CA SER A 63 0.45 24.03 -13.90
C SER A 63 1.40 24.47 -15.02
N GLY A 64 0.99 25.45 -15.82
CA GLY A 64 1.80 25.92 -16.92
C GLY A 64 2.25 27.36 -16.83
N VAL A 65 2.41 27.86 -15.60
CA VAL A 65 2.87 29.22 -15.38
C VAL A 65 4.35 29.30 -15.76
N PRO A 66 4.87 30.48 -16.12
CA PRO A 66 6.29 30.58 -16.47
C PRO A 66 7.19 30.36 -15.26
N ASP A 67 8.45 30.08 -15.56
CA ASP A 67 9.43 29.66 -14.56
C ASP A 67 10.12 30.84 -13.90
N ARG A 68 9.72 32.08 -14.24
CA ARG A 68 10.36 33.25 -13.67
C ARG A 68 10.08 33.41 -12.18
N PHE A 69 9.05 32.76 -11.66
CA PHE A 69 8.70 32.88 -10.25
C PHE A 69 9.63 32.01 -9.41
N SER A 70 10.47 32.65 -8.60
CA SER A 70 11.41 31.95 -7.75
C SER A 70 11.55 32.70 -6.43
N GLY A 71 11.98 31.98 -5.40
CA GLY A 71 12.10 32.55 -4.07
C GLY A 71 13.27 31.94 -3.31
N SER A 72 13.52 32.54 -2.14
CA SER A 72 14.57 32.12 -1.23
C SER A 72 13.95 31.62 0.06
N GLY A 73 14.49 30.54 0.60
CA GLY A 73 13.96 29.90 1.79
C GLY A 73 14.85 30.11 2.99
N SER A 74 14.25 30.54 4.10
CA SER A 74 14.92 30.65 5.37
C SER A 74 13.90 30.48 6.48
N GLY A 75 14.38 30.10 7.66
CA GLY A 75 13.49 29.81 8.76
C GLY A 75 12.73 31.02 9.27
N THR A 76 13.41 32.14 9.44
CA THR A 76 12.79 33.34 10.00
C THR A 76 12.45 34.39 8.96
N ASP A 77 12.93 34.19 7.76
CA ASP A 77 12.59 35.11 6.72
C ASP A 77 12.08 34.38 5.52
N PHE A 78 11.22 35.02 4.78
CA PHE A 78 10.67 34.46 3.56
C PHE A 78 10.88 35.43 2.42
N ALA A 79 11.17 34.90 1.24
CA ALA A 79 11.46 35.76 0.10
C ALA A 79 10.92 35.14 -1.18
N LEU A 80 10.47 36.01 -2.09
CA LEU A 80 10.10 35.60 -3.44
C LEU A 80 10.24 36.82 -4.35
N ARG A 81 10.65 36.56 -5.59
CA ARG A 81 11.05 37.61 -6.51
C ARG A 81 10.45 37.35 -7.88
N ILE A 82 10.02 38.42 -8.53
CA ILE A 82 9.56 38.38 -9.92
C ILE A 82 10.63 39.02 -10.80
N SER A 83 10.80 38.49 -12.01
CA SER A 83 11.82 38.99 -12.92
C SER A 83 11.26 40.04 -13.88
N ARG A 84 10.17 39.71 -14.55
CA ARG A 84 9.56 40.58 -15.55
C ARG A 84 8.21 41.06 -15.06
N VAL A 85 7.94 42.35 -15.24
CA VAL A 85 6.67 42.95 -14.85
C VAL A 85 5.86 43.21 -16.12
N GLU A 86 4.67 42.64 -16.18
CA GLU A 86 3.79 42.78 -17.32
C GLU A 86 2.41 43.20 -16.76
N THR A 87 1.45 43.46 -17.65
CA THR A 87 0.18 44.05 -17.24
C THR A 87 -0.60 43.16 -16.27
N GLU A 88 -0.64 41.85 -16.54
CA GLU A 88 -1.35 40.96 -15.63
C GLU A 88 -0.49 40.49 -14.46
N ASP A 89 0.76 40.94 -14.36
CA ASP A 89 1.58 40.58 -13.22
C ASP A 89 1.16 41.33 -11.95
N VAL A 90 0.51 42.48 -12.12
CA VAL A 90 0.14 43.29 -10.96
C VAL A 90 -1.05 42.66 -10.23
N GLY A 91 -1.24 43.08 -9.00
CA GLY A 91 -2.32 42.57 -8.18
C GLY A 91 -1.89 42.51 -6.72
N VAL A 92 -2.55 41.63 -5.97
CA VAL A 92 -2.29 41.43 -4.56
C VAL A 92 -1.88 39.97 -4.34
N TYR A 93 -0.83 39.76 -3.57
CA TYR A 93 -0.26 38.44 -3.33
C TYR A 93 -0.58 38.00 -1.91
N TYR A 94 -0.66 36.69 -1.71
CA TYR A 94 -1.02 36.12 -0.42
C TYR A 94 0.11 35.25 0.10
N CYS A 95 -0.12 34.67 1.28
CA CYS A 95 0.89 33.88 1.98
C CYS A 95 0.18 32.99 2.98
N ALA A 96 0.52 31.70 3.01
CA ALA A 96 -0.14 30.74 3.87
C ALA A 96 0.85 29.76 4.45
N GLN A 97 0.54 29.29 5.66
CA GLN A 97 1.36 28.34 6.39
C GLN A 97 0.50 27.18 6.88
N MET A 98 1.11 26.03 7.11
CA MET A 98 0.44 24.88 7.71
C MET A 98 0.76 24.83 9.20
N LEU A 99 -0.01 25.57 10.00
CA LEU A 99 0.14 25.48 11.45
C LEU A 99 -0.86 24.49 12.04
N GLU A 100 -0.62 23.20 11.84
CA GLU A 100 -1.45 22.10 12.31
C GLU A 100 -2.89 22.26 11.83
N ARG A 101 -3.85 21.92 12.69
CA ARG A 101 -5.27 22.07 12.37
C ARG A 101 -5.68 23.52 12.12
N PRO A 102 -5.25 24.52 12.92
CA PRO A 102 -5.64 25.89 12.48
C PRO A 102 -4.75 26.47 11.39
N TYR A 103 -5.07 26.10 10.14
CA TYR A 103 -4.43 26.75 9.01
C TYR A 103 -4.87 28.21 8.95
N THR A 104 -3.93 29.09 8.60
CA THR A 104 -4.23 30.52 8.56
C THR A 104 -3.54 31.14 7.36
N PHE A 105 -4.27 32.01 6.66
CA PHE A 105 -3.73 32.73 5.51
C PHE A 105 -3.21 34.09 5.93
N GLY A 106 -2.55 34.77 4.99
CA GLY A 106 -2.00 36.08 5.26
C GLY A 106 -3.04 37.17 5.23
N SER A 107 -2.59 38.38 5.57
CA SER A 107 -3.47 39.54 5.55
C SER A 107 -3.49 40.26 4.20
N GLY A 108 -2.69 39.83 3.25
CA GLY A 108 -2.70 40.44 1.93
C GLY A 108 -1.58 41.45 1.76
N THR A 109 -1.06 41.52 0.54
CA THR A 109 0.03 42.45 0.21
C THR A 109 -0.07 42.76 -1.27
N LYS A 110 -0.45 43.99 -1.60
CA LYS A 110 -0.74 44.38 -2.97
C LYS A 110 0.45 45.13 -3.57
N LEU A 111 0.93 44.65 -4.72
CA LEU A 111 1.99 45.32 -5.44
C LEU A 111 1.44 46.56 -6.13
N GLU A 112 2.27 47.61 -6.19
CA GLU A 112 1.89 48.83 -6.87
C GLU A 112 3.11 49.41 -7.57
N ILE A 113 2.86 50.31 -8.51
CA ILE A 113 3.94 50.95 -9.27
C ILE A 113 4.70 51.92 -8.37
N GLN B 3 -8.86 21.80 -18.02
CA GLN B 3 -9.85 22.46 -18.85
C GLN B 3 -11.17 22.62 -18.11
N VAL B 4 -11.30 21.91 -16.98
CA VAL B 4 -12.54 21.94 -16.22
C VAL B 4 -12.67 23.28 -15.50
N GLN B 5 -13.91 23.62 -15.15
CA GLN B 5 -14.20 24.85 -14.43
C GLN B 5 -15.20 24.55 -13.33
N LEU B 6 -15.32 25.48 -12.39
CA LEU B 6 -16.23 25.36 -11.27
C LEU B 6 -17.28 26.46 -11.36
N THR B 7 -18.52 26.12 -11.06
CA THR B 7 -19.60 27.09 -10.99
C THR B 7 -20.35 26.92 -9.68
N GLN B 8 -21.02 27.99 -9.26
CA GLN B 8 -21.75 27.96 -7.99
C GLN B 8 -23.23 28.20 -8.19
N SER B 9 -23.68 29.43 -7.90
CA SER B 9 -25.09 29.77 -8.00
C SER B 9 -25.19 31.26 -8.33
N GLY B 10 -26.39 31.80 -8.21
CA GLY B 10 -26.62 33.21 -8.49
C GLY B 10 -26.49 34.07 -7.25
N ALA B 11 -26.35 35.38 -7.48
CA ALA B 11 -26.27 36.33 -6.39
C ALA B 11 -27.59 36.41 -5.64
N GLU B 12 -27.51 36.47 -4.32
CA GLU B 12 -28.69 36.50 -3.47
C GLU B 12 -28.58 37.63 -2.46
N LEU B 13 -29.73 38.21 -2.13
CA LEU B 13 -29.83 39.22 -1.07
C LEU B 13 -30.87 38.72 -0.06
N VAL B 14 -30.47 38.67 1.21
CA VAL B 14 -31.26 38.03 2.26
C VAL B 14 -31.43 39.01 3.40
N LYS B 15 -32.68 39.18 3.85
CA LYS B 15 -32.96 39.96 5.05
C LYS B 15 -32.39 39.23 6.28
N PRO B 16 -31.84 39.96 7.25
CA PRO B 16 -31.29 39.31 8.45
C PRO B 16 -32.34 38.54 9.23
N GLY B 17 -31.90 37.43 9.81
CA GLY B 17 -32.77 36.52 10.55
C GLY B 17 -33.18 35.28 9.78
N ALA B 18 -32.70 35.10 8.56
CA ALA B 18 -33.07 33.97 7.72
C ALA B 18 -31.86 33.07 7.47
N SER B 19 -32.08 32.05 6.65
CA SER B 19 -31.03 31.11 6.26
C SER B 19 -30.77 31.23 4.76
N VAL B 20 -29.54 30.96 4.35
CA VAL B 20 -29.10 31.13 2.98
C VAL B 20 -28.40 29.86 2.53
N LYS B 21 -28.50 29.54 1.24
CA LYS B 21 -27.96 28.31 0.68
C LYS B 21 -27.11 28.68 -0.53
N ILE B 22 -25.85 28.25 -0.53
CA ILE B 22 -24.95 28.41 -1.67
C ILE B 22 -24.30 27.05 -1.93
N SER B 23 -24.26 26.65 -3.20
CA SER B 23 -23.74 25.35 -3.58
C SER B 23 -22.59 25.50 -4.57
N CYS B 24 -21.82 24.42 -4.72
CA CYS B 24 -20.72 24.35 -5.68
C CYS B 24 -20.89 23.11 -6.56
N LYS B 25 -20.59 23.28 -7.85
CA LYS B 25 -20.78 22.23 -8.85
C LYS B 25 -19.45 21.92 -9.55
N ALA B 26 -19.13 20.64 -9.66
CA ALA B 26 -17.89 20.17 -10.27
C ALA B 26 -18.21 19.16 -11.38
N SER B 27 -17.38 19.15 -12.42
CA SER B 27 -17.53 18.20 -13.51
C SER B 27 -16.19 18.06 -14.24
N GLY B 28 -15.91 16.84 -14.73
CA GLY B 28 -14.72 16.58 -15.51
C GLY B 28 -13.67 15.75 -14.84
N TYR B 29 -13.90 15.26 -13.62
CA TYR B 29 -12.95 14.45 -12.89
C TYR B 29 -13.70 13.61 -11.86
N THR B 30 -13.05 12.58 -11.33
CA THR B 30 -13.68 11.77 -10.30
C THR B 30 -13.79 12.54 -8.99
N PHE B 31 -15.00 12.57 -8.44
CA PHE B 31 -15.30 13.40 -7.29
C PHE B 31 -15.02 12.71 -5.96
N THR B 32 -14.86 11.39 -5.96
CA THR B 32 -14.70 10.61 -4.73
C THR B 32 -13.39 10.91 -4.00
N ASP B 33 -12.29 11.12 -4.73
CA ASP B 33 -10.96 11.12 -4.14
C ASP B 33 -10.52 12.47 -3.60
N TYR B 34 -10.90 13.57 -4.23
CA TYR B 34 -10.41 14.89 -3.84
C TYR B 34 -11.25 15.45 -2.69
N TYR B 35 -10.56 16.12 -1.75
CA TYR B 35 -11.23 16.74 -0.61
C TYR B 35 -11.88 18.05 -1.03
N ILE B 36 -12.79 18.54 -0.17
CA ILE B 36 -13.51 19.79 -0.42
C ILE B 36 -13.26 20.73 0.75
N ASN B 37 -12.85 21.96 0.45
CA ASN B 37 -12.66 23.01 1.44
C ASN B 37 -13.34 24.28 0.97
N TRP B 38 -13.98 24.99 1.90
CA TRP B 38 -14.66 26.25 1.58
C TRP B 38 -14.03 27.39 2.37
N VAL B 39 -13.88 28.53 1.72
CA VAL B 39 -13.18 29.68 2.29
C VAL B 39 -13.98 30.94 2.01
N LYS B 40 -13.83 31.94 2.89
CA LYS B 40 -14.45 33.24 2.74
C LYS B 40 -13.37 34.32 2.68
N GLN B 41 -13.63 35.37 1.90
CA GLN B 41 -12.79 36.56 1.90
C GLN B 41 -13.68 37.77 2.18
N ARG B 42 -13.17 38.73 2.93
CA ARG B 42 -13.87 39.96 3.28
C ARG B 42 -12.95 41.15 3.06
N PRO B 43 -13.48 42.27 2.55
CA PRO B 43 -12.64 43.48 2.43
C PRO B 43 -12.21 44.01 3.79
N GLY B 44 -10.90 44.16 3.96
CA GLY B 44 -10.32 44.62 5.20
C GLY B 44 -9.97 43.53 6.19
N GLN B 45 -10.28 42.28 5.89
CA GLN B 45 -10.00 41.16 6.79
C GLN B 45 -9.31 40.04 6.02
N GLY B 46 -8.61 39.18 6.76
CA GLY B 46 -7.89 38.09 6.14
C GLY B 46 -8.77 36.92 5.76
N LEU B 47 -8.28 36.13 4.81
CA LEU B 47 -9.00 34.97 4.34
C LEU B 47 -8.89 33.83 5.36
N GLU B 48 -9.97 33.06 5.49
CA GLU B 48 -10.00 31.97 6.47
C GLU B 48 -11.06 30.97 6.02
N TRP B 49 -10.71 29.68 6.08
CA TRP B 49 -11.54 28.61 5.56
C TRP B 49 -12.35 27.94 6.66
N ILE B 50 -13.55 27.48 6.32
CA ILE B 50 -14.55 27.15 7.32
C ILE B 50 -14.42 25.70 7.79
N GLY B 51 -14.56 24.74 6.87
CA GLY B 51 -14.62 23.35 7.25
C GLY B 51 -13.97 22.44 6.22
N LYS B 52 -13.55 21.26 6.68
CA LYS B 52 -12.94 20.26 5.82
C LYS B 52 -13.84 19.04 5.76
N ILE B 53 -14.19 18.63 4.53
CA ILE B 53 -15.13 17.55 4.30
C ILE B 53 -14.58 16.64 3.19
N GLY B 54 -14.79 15.34 3.34
CA GLY B 54 -14.41 14.38 2.34
C GLY B 54 -15.53 13.40 2.05
N PRO B 55 -15.94 13.30 0.79
CA PRO B 55 -17.05 12.39 0.44
C PRO B 55 -16.74 10.92 0.65
N GLY B 56 -15.47 10.54 0.74
CA GLY B 56 -15.13 9.13 0.93
C GLY B 56 -15.55 8.59 2.29
N ASN B 57 -15.43 9.42 3.33
CA ASN B 57 -15.76 8.99 4.68
C ASN B 57 -16.77 9.89 5.39
N ASN B 58 -17.17 11.01 4.78
CA ASN B 58 -18.14 11.96 5.33
C ASN B 58 -17.70 12.47 6.71
N SER B 59 -16.42 12.80 6.83
CA SER B 59 -15.83 13.26 8.07
C SER B 59 -15.79 14.78 8.10
N THR B 60 -16.34 15.35 9.17
CA THR B 60 -16.51 16.80 9.30
C THR B 60 -15.53 17.33 10.32
N TYR B 61 -14.64 18.21 9.90
CA TYR B 61 -13.74 18.95 10.79
C TYR B 61 -14.01 20.43 10.63
N TYR B 62 -14.26 21.11 11.76
CA TYR B 62 -14.52 22.54 11.77
C TYR B 62 -13.63 23.22 12.81
N LYS B 63 -13.41 24.52 12.63
CA LYS B 63 -12.71 25.29 13.64
C LYS B 63 -13.66 25.64 14.77
N GLU B 64 -13.08 26.07 15.90
CA GLU B 64 -13.86 26.33 17.11
C GLU B 64 -14.79 27.54 16.94
N ASN B 65 -14.32 28.57 16.23
CA ASN B 65 -15.11 29.80 16.14
C ASN B 65 -16.30 29.69 15.20
N PHE B 66 -16.16 28.98 14.08
CA PHE B 66 -17.27 28.85 13.14
C PHE B 66 -18.10 27.59 13.36
N GLU B 67 -17.78 26.79 14.38
CA GLU B 67 -18.59 25.62 14.68
C GLU B 67 -19.94 26.04 15.23
N GLY B 68 -20.99 25.31 14.84
CA GLY B 68 -22.34 25.65 15.21
C GLY B 68 -23.00 26.67 14.31
N LYS B 69 -22.30 27.16 13.28
CA LYS B 69 -22.87 28.11 12.35
C LYS B 69 -23.34 27.45 11.05
N ALA B 70 -22.57 26.48 10.54
CA ALA B 70 -22.90 25.84 9.28
C ALA B 70 -22.25 24.47 9.24
N THR B 71 -22.67 23.66 8.28
CA THR B 71 -22.11 22.34 8.05
C THR B 71 -21.93 22.13 6.55
N LEU B 72 -21.05 21.18 6.21
CA LEU B 72 -20.69 20.90 4.83
C LEU B 72 -21.04 19.46 4.50
N THR B 73 -21.66 19.26 3.34
CA THR B 73 -22.05 17.93 2.88
C THR B 73 -21.94 17.91 1.36
N ALA B 74 -21.51 16.78 0.81
CA ALA B 74 -21.41 16.61 -0.63
C ALA B 74 -22.30 15.45 -1.07
N ASP B 75 -22.75 15.53 -2.31
CA ASP B 75 -23.64 14.52 -2.89
C ASP B 75 -22.80 13.51 -3.65
N LYS B 76 -23.00 12.22 -3.33
CA LYS B 76 -22.17 11.16 -3.88
C LYS B 76 -22.55 10.78 -5.31
N SER B 77 -23.84 10.85 -5.66
CA SER B 77 -24.27 10.42 -7.00
C SER B 77 -23.77 11.38 -8.07
N PHE B 78 -23.97 12.67 -7.86
CA PHE B 78 -23.41 13.70 -8.74
C PHE B 78 -22.85 14.82 -7.88
N SER B 79 -21.77 15.43 -8.36
CA SER B 79 -20.95 16.34 -7.56
C SER B 79 -21.72 17.62 -7.26
N THR B 80 -21.99 17.86 -5.99
CA THR B 80 -22.71 19.03 -5.51
C THR B 80 -22.38 19.22 -4.04
N ALA B 81 -22.01 20.43 -3.65
CA ALA B 81 -21.59 20.73 -2.29
C ALA B 81 -22.67 21.52 -1.56
N TYR B 82 -22.93 21.16 -0.31
CA TYR B 82 -23.99 21.76 0.48
C TYR B 82 -23.42 22.58 1.64
N MET B 83 -24.01 23.73 1.88
CA MET B 83 -23.74 24.54 3.07
C MET B 83 -24.97 25.34 3.42
N GLN B 84 -25.43 25.22 4.67
CA GLN B 84 -26.60 25.93 5.15
C GLN B 84 -26.19 26.80 6.34
N LEU B 85 -26.41 28.11 6.22
CA LEU B 85 -26.07 29.05 7.29
C LEU B 85 -27.23 29.12 8.27
N SER B 86 -26.90 29.09 9.57
CA SER B 86 -27.90 29.06 10.61
C SER B 86 -27.53 30.05 11.72
N SER B 87 -28.55 30.46 12.46
CA SER B 87 -28.44 31.39 13.59
C SER B 87 -27.77 32.70 13.19
N LEU B 88 -28.25 33.28 12.10
CA LEU B 88 -27.72 34.55 11.61
C LEU B 88 -28.51 35.71 12.21
N SER B 90 -26.07 37.98 10.99
CA SER B 90 -25.77 39.38 11.28
C SER B 90 -25.03 40.04 10.12
N GLU B 91 -23.90 40.68 10.41
CA GLU B 91 -23.12 41.39 9.41
C GLU B 91 -22.03 40.47 8.84
N ASP B 92 -22.46 39.54 8.00
CA ASP B 92 -21.57 38.64 7.28
C ASP B 92 -21.58 38.88 5.78
N SER B 93 -21.65 40.15 5.35
CA SER B 93 -21.76 40.44 3.92
C SER B 93 -20.42 40.29 3.22
N ALA B 94 -20.19 39.16 2.58
CA ALA B 94 -18.91 38.94 1.91
C ALA B 94 -19.06 38.04 0.69
N VAL B 95 -18.03 37.27 0.36
CA VAL B 95 -18.03 36.42 -0.82
C VAL B 95 -17.68 35.01 -0.37
N TYR B 96 -18.42 34.03 -0.88
CA TYR B 96 -18.18 32.63 -0.53
C TYR B 96 -17.59 31.90 -1.74
N PHE B 97 -16.56 31.11 -1.48
CA PHE B 97 -15.88 30.32 -2.51
C PHE B 97 -15.99 28.84 -2.17
N CYS B 98 -15.63 28.02 -3.17
CA CYS B 98 -15.42 26.59 -2.98
C CYS B 98 -14.07 26.21 -3.60
N ALA B 99 -13.27 25.48 -2.84
CA ALA B 99 -11.91 25.14 -3.22
C ALA B 99 -11.70 23.63 -3.18
N ARG B 100 -10.56 23.20 -3.73
CA ARG B 100 -10.21 21.79 -3.81
C ARG B 100 -8.98 21.52 -2.96
N TRP B 101 -8.51 20.28 -3.00
CA TRP B 101 -7.30 19.87 -2.30
C TRP B 101 -6.56 18.83 -3.12
N GLY B 102 -5.23 18.97 -3.15
CA GLY B 102 -4.41 18.14 -4.00
C GLY B 102 -3.84 16.93 -3.28
N TYR B 103 -2.68 16.50 -3.77
CA TYR B 103 -1.92 15.37 -3.21
C TYR B 103 -2.75 14.09 -3.23
N LEU B 104 -3.02 13.59 -4.43
CA LEU B 104 -3.70 12.31 -4.57
C LEU B 104 -2.73 11.16 -4.34
N TRP B 105 -1.48 11.33 -4.78
CA TRP B 105 -0.41 10.40 -4.42
C TRP B 105 0.91 11.14 -4.22
N SER B 106 1.28 11.97 -5.20
CA SER B 106 2.48 12.80 -5.13
C SER B 106 2.35 13.96 -6.13
N THR B 107 1.36 14.82 -5.90
CA THR B 107 1.11 15.96 -6.75
C THR B 107 1.46 17.25 -6.03
N GLY B 108 0.85 18.35 -6.48
CA GLY B 108 1.09 19.65 -5.90
C GLY B 108 0.63 19.78 -4.46
N GLY B 109 -0.57 19.29 -4.17
CA GLY B 109 -1.08 19.34 -2.80
C GLY B 109 -1.35 20.73 -2.27
N GLY B 110 -2.00 21.59 -3.06
CA GLY B 110 -2.33 22.92 -2.63
C GLY B 110 -3.76 23.29 -3.01
N PHE B 111 -4.14 24.50 -2.60
CA PHE B 111 -5.48 25.01 -2.87
C PHE B 111 -5.58 25.40 -4.35
N ASP B 112 -5.86 24.39 -5.16
CA ASP B 112 -6.03 24.56 -6.60
C ASP B 112 -7.51 24.52 -6.99
N TYR B 113 -7.79 24.95 -8.22
CA TYR B 113 -9.13 25.04 -8.79
C TYR B 113 -10.05 25.93 -7.95
N TRP B 114 -10.05 27.21 -8.29
CA TRP B 114 -10.90 28.18 -7.61
C TRP B 114 -12.01 28.65 -8.55
N GLY B 115 -13.22 28.74 -8.01
CA GLY B 115 -14.39 29.06 -8.79
C GLY B 115 -14.72 30.54 -8.83
N HIS B 116 -15.86 30.83 -9.47
CA HIS B 116 -16.31 32.19 -9.66
C HIS B 116 -16.82 32.79 -8.34
N GLY B 117 -17.08 34.09 -8.38
CA GLY B 117 -17.46 34.84 -7.20
C GLY B 117 -18.94 35.13 -7.14
N THR B 118 -19.46 35.23 -5.92
CA THR B 118 -20.86 35.53 -5.65
C THR B 118 -20.93 36.65 -4.62
N THR B 119 -22.16 37.04 -4.26
CA THR B 119 -22.39 38.04 -3.23
C THR B 119 -23.53 37.58 -2.33
N LEU B 120 -23.32 37.68 -1.03
CA LEU B 120 -24.35 37.36 -0.03
C LEU B 120 -24.54 38.62 0.81
N THR B 121 -25.32 39.56 0.31
CA THR B 121 -25.56 40.81 1.03
C THR B 121 -26.63 40.61 2.08
N VAL B 122 -26.57 41.46 3.12
CA VAL B 122 -27.55 41.47 4.19
C VAL B 122 -28.01 42.91 4.41
N SER B 123 -29.20 43.04 4.99
CA SER B 123 -29.77 44.36 5.25
C SER B 123 -29.83 44.66 6.74
N GLN C 3 10.00 -37.23 -13.13
CA GLN C 3 8.95 -36.73 -12.24
C GLN C 3 9.41 -36.87 -10.79
N VAL C 4 8.75 -36.15 -9.90
CA VAL C 4 9.09 -36.14 -8.48
C VAL C 4 7.91 -36.69 -7.68
N GLN C 5 8.21 -37.37 -6.57
CA GLN C 5 7.20 -37.99 -5.73
C GLN C 5 7.51 -37.70 -4.28
N LEU C 6 6.46 -37.78 -3.45
CA LEU C 6 6.59 -37.58 -2.01
C LEU C 6 6.08 -38.82 -1.29
N GLN C 7 6.83 -39.26 -0.29
CA GLN C 7 6.46 -40.40 0.53
C GLN C 7 6.64 -40.06 2.00
N GLN C 8 5.88 -40.74 2.85
CA GLN C 8 5.95 -40.47 4.28
C GLN C 8 5.56 -41.74 5.04
N SER C 9 5.76 -41.69 6.35
CA SER C 9 5.54 -42.85 7.20
C SER C 9 4.05 -43.12 7.39
N GLY C 10 3.76 -44.30 7.92
CA GLY C 10 2.39 -44.72 8.17
C GLY C 10 1.87 -44.22 9.50
N SER C 11 0.72 -44.78 9.89
CA SER C 11 0.04 -44.34 11.09
C SER C 11 0.78 -44.75 12.36
N GLU C 12 0.82 -43.85 13.33
CA GLU C 12 1.44 -44.11 14.62
C GLU C 12 0.51 -43.61 15.72
N LEU C 13 0.28 -44.45 16.72
CA LEU C 13 -0.55 -44.10 17.87
C LEU C 13 0.35 -43.75 19.05
N ALA C 14 -0.07 -42.77 19.85
CA ALA C 14 0.71 -42.32 20.99
C ALA C 14 -0.20 -42.11 22.18
N LYS C 15 0.35 -42.31 23.38
CA LYS C 15 -0.38 -42.04 24.60
C LYS C 15 -0.53 -40.53 24.80
N PRO C 16 -1.57 -40.10 25.53
CA PRO C 16 -1.72 -38.67 25.82
C PRO C 16 -0.54 -38.12 26.62
N GLY C 17 -0.14 -36.89 26.30
CA GLY C 17 0.99 -36.27 26.94
C GLY C 17 2.31 -36.90 26.54
N ALA C 18 2.67 -36.77 25.27
CA ALA C 18 3.90 -37.38 24.75
C ALA C 18 4.35 -36.60 23.53
N SER C 19 5.37 -37.14 22.85
CA SER C 19 5.93 -36.53 21.64
C SER C 19 5.97 -37.56 20.53
N VAL C 20 5.63 -37.12 19.31
CA VAL C 20 5.58 -37.98 18.14
C VAL C 20 6.33 -37.30 17.01
N LYS C 21 7.03 -38.08 16.20
CA LYS C 21 7.76 -37.58 15.04
C LYS C 21 7.22 -38.20 13.78
N LEU C 22 7.05 -37.39 12.74
CA LEU C 22 6.59 -37.83 11.44
C LEU C 22 7.64 -37.47 10.39
N SER C 23 7.97 -38.42 9.52
CA SER C 23 9.03 -38.27 8.55
C SER C 23 8.44 -38.11 7.16
N CYS C 24 8.89 -37.08 6.45
CA CYS C 24 8.52 -36.85 5.05
C CYS C 24 9.78 -36.94 4.21
N LYS C 25 9.77 -37.82 3.22
CA LYS C 25 10.92 -38.08 2.38
C LYS C 25 10.66 -37.60 0.95
N ALA C 26 11.71 -37.08 0.32
CA ALA C 26 11.61 -36.51 -1.01
C ALA C 26 12.73 -37.03 -1.89
N SER C 27 12.54 -36.86 -3.21
CA SER C 27 13.50 -37.33 -4.19
C SER C 27 13.29 -36.55 -5.48
N GLY C 28 14.24 -36.70 -6.40
CA GLY C 28 14.15 -36.08 -7.70
C GLY C 28 14.60 -34.63 -7.73
N TYR C 29 13.76 -33.74 -7.20
CA TYR C 29 14.10 -32.32 -7.15
C TYR C 29 15.13 -32.06 -6.06
N THR C 30 15.74 -30.89 -6.13
CA THR C 30 16.77 -30.53 -5.15
C THR C 30 16.12 -30.20 -3.81
N PHE C 31 16.52 -30.95 -2.78
CA PHE C 31 15.96 -30.74 -1.45
C PHE C 31 16.47 -29.47 -0.78
N THR C 32 17.62 -28.95 -1.22
CA THR C 32 18.18 -27.75 -0.62
C THR C 32 17.43 -26.49 -1.04
N ARG C 33 16.98 -26.45 -2.31
CA ARG C 33 16.47 -25.21 -2.89
C ARG C 33 15.08 -24.84 -2.37
N TYR C 34 14.22 -25.82 -2.11
CA TYR C 34 12.79 -25.60 -2.03
C TYR C 34 12.28 -25.77 -0.60
N TRP C 35 11.31 -24.93 -0.23
CA TRP C 35 10.79 -24.81 1.11
C TRP C 35 9.81 -25.95 1.42
N MET C 36 9.19 -25.90 2.60
CA MET C 36 8.29 -26.94 3.08
C MET C 36 7.01 -26.32 3.63
N HIS C 37 5.88 -26.98 3.40
CA HIS C 37 4.59 -26.59 3.95
C HIS C 37 3.94 -27.75 4.70
N TRP C 38 3.02 -27.42 5.60
CA TRP C 38 2.27 -28.42 6.34
C TRP C 38 0.82 -27.98 6.48
N VAL C 39 -0.10 -28.93 6.27
CA VAL C 39 -1.54 -28.66 6.30
C VAL C 39 -2.20 -29.70 7.20
N LYS C 40 -3.03 -29.24 8.13
CA LYS C 40 -3.73 -30.12 9.06
C LYS C 40 -5.15 -30.37 8.56
N GLN C 41 -5.56 -31.64 8.57
CA GLN C 41 -6.87 -32.03 8.05
C GLN C 41 -7.61 -32.80 9.13
N ARG C 42 -8.63 -32.19 9.73
CA ARG C 42 -9.52 -32.95 10.58
C ARG C 42 -10.49 -33.74 9.72
N PRO C 43 -10.95 -34.93 10.18
CA PRO C 43 -11.77 -35.80 9.32
C PRO C 43 -13.13 -35.22 8.95
N GLY C 44 -13.14 -34.31 7.97
CA GLY C 44 -14.36 -33.74 7.44
C GLY C 44 -14.80 -32.43 8.04
N GLN C 45 -13.97 -31.75 8.82
CA GLN C 45 -14.28 -30.45 9.38
C GLN C 45 -13.36 -29.38 8.81
N GLY C 46 -13.18 -29.39 7.49
CA GLY C 46 -12.37 -28.36 6.87
C GLY C 46 -10.88 -28.59 7.09
N LEU C 47 -10.09 -27.57 6.75
CA LEU C 47 -8.64 -27.68 6.83
C LEU C 47 -8.07 -26.44 7.52
N GLU C 48 -6.89 -26.62 8.14
CA GLU C 48 -6.14 -25.53 8.74
C GLU C 48 -4.76 -25.45 8.10
N TRP C 49 -4.06 -24.35 8.38
CA TRP C 49 -2.70 -24.11 7.90
C TRP C 49 -1.80 -23.96 9.11
N ILE C 50 -0.71 -24.75 9.15
CA ILE C 50 0.13 -24.83 10.34
C ILE C 50 1.58 -24.47 10.05
N GLY C 51 2.31 -25.38 9.41
CA GLY C 51 3.76 -25.29 9.43
C GLY C 51 4.35 -24.56 8.24
N TYR C 52 5.63 -24.22 8.37
CA TYR C 52 6.37 -23.50 7.36
C TYR C 52 7.87 -23.56 7.67
N SER C 53 8.58 -24.54 7.09
CA SER C 53 9.96 -24.82 7.49
C SER C 53 10.91 -24.70 6.31
N ASN C 54 12.15 -24.33 6.62
CA ASN C 54 13.24 -24.24 5.66
C ASN C 54 14.23 -25.36 5.91
N PRO C 55 14.50 -26.24 4.94
CA PRO C 55 15.52 -27.26 5.14
C PRO C 55 16.94 -26.72 5.22
N SER C 56 17.18 -25.50 4.75
CA SER C 56 18.53 -24.94 4.78
C SER C 56 18.96 -24.61 6.21
N SER C 57 18.06 -24.03 7.00
CA SER C 57 18.38 -23.67 8.38
C SER C 57 17.36 -24.28 9.34
N GLY C 58 16.97 -23.52 10.36
CA GLY C 58 16.00 -24.00 11.32
C GLY C 58 14.98 -22.96 11.73
N TYR C 59 14.94 -21.84 11.00
CA TYR C 59 14.05 -20.74 11.32
C TYR C 59 12.68 -20.99 10.70
N THR C 60 11.66 -21.06 11.54
CA THR C 60 10.32 -21.43 11.12
C THR C 60 9.33 -20.32 11.41
N ASN C 61 8.32 -20.20 10.54
CA ASN C 61 7.28 -19.19 10.67
C ASN C 61 5.99 -19.89 11.08
N PHE C 62 5.62 -19.75 12.35
CA PHE C 62 4.41 -20.40 12.87
C PHE C 62 3.16 -19.62 12.52
N ASN C 63 2.02 -20.20 12.88
CA ASN C 63 0.74 -19.52 12.88
C ASN C 63 0.41 -19.11 14.31
N GLN C 64 -0.49 -18.13 14.44
CA GLN C 64 -0.73 -17.46 15.70
C GLN C 64 -1.31 -18.36 16.78
N LYS C 65 -2.10 -19.38 16.41
CA LYS C 65 -2.90 -20.08 17.40
C LYS C 65 -2.05 -21.01 18.26
N PHE C 66 -0.84 -21.32 17.83
CA PHE C 66 0.06 -22.15 18.63
C PHE C 66 1.38 -21.41 18.78
N LYS C 67 1.98 -21.50 19.97
CA LYS C 67 3.28 -20.89 20.20
C LYS C 67 4.38 -21.92 20.43
N ASP C 68 4.18 -22.83 21.40
CA ASP C 68 5.15 -23.86 21.70
C ASP C 68 4.69 -25.26 21.33
N LYS C 69 3.52 -25.38 20.69
CA LYS C 69 2.92 -26.69 20.43
C LYS C 69 3.63 -27.47 19.33
N ALA C 70 4.48 -26.83 18.53
CA ALA C 70 5.17 -27.48 17.43
C ALA C 70 6.66 -27.18 17.51
N ALA C 71 7.44 -28.03 16.84
CA ALA C 71 8.89 -27.87 16.81
C ALA C 71 9.44 -27.64 15.42
N LEU C 72 9.00 -28.43 14.44
CA LEU C 72 9.31 -28.24 13.01
C LEU C 72 10.82 -28.32 12.75
N THR C 73 11.40 -29.47 13.08
CA THR C 73 12.82 -29.71 12.89
C THR C 73 13.09 -30.22 11.47
N ALA C 74 14.11 -29.64 10.82
CA ALA C 74 14.48 -30.01 9.47
C ALA C 74 15.87 -30.62 9.43
N ASP C 75 16.02 -31.69 8.66
CA ASP C 75 17.30 -32.35 8.44
C ASP C 75 17.69 -32.20 6.97
N THR C 76 18.98 -31.99 6.72
CA THR C 76 19.46 -31.66 5.38
C THR C 76 20.50 -32.63 4.83
N SER C 77 20.76 -33.75 5.50
CA SER C 77 21.77 -34.68 5.05
C SER C 77 21.20 -36.01 4.54
N SER C 78 20.13 -36.51 5.14
CA SER C 78 19.53 -37.77 4.74
C SER C 78 18.31 -37.59 3.85
N ASN C 79 18.06 -36.36 3.38
CA ASN C 79 16.90 -36.01 2.56
C ASN C 79 15.58 -36.40 3.22
N THR C 80 15.50 -36.25 4.55
CA THR C 80 14.31 -36.60 5.31
C THR C 80 13.87 -35.39 6.12
N ALA C 81 12.83 -34.70 5.65
CA ALA C 81 12.25 -33.62 6.43
C ALA C 81 11.46 -34.19 7.60
N TYR C 82 11.66 -33.62 8.78
CA TYR C 82 11.07 -34.14 10.01
C TYR C 82 10.03 -33.15 10.54
N ILE C 83 9.34 -33.59 11.59
CA ILE C 83 8.46 -32.73 12.38
C ILE C 83 8.33 -33.35 13.76
N GLN C 84 8.03 -32.51 14.74
CA GLN C 84 7.80 -32.96 16.11
C GLN C 84 6.61 -32.23 16.69
N LEU C 85 5.76 -32.96 17.40
CA LEU C 85 4.58 -32.41 18.03
C LEU C 85 4.71 -32.60 19.53
N ASN C 86 4.49 -31.51 20.28
CA ASN C 86 4.66 -31.51 21.73
C ASN C 86 3.31 -31.30 22.39
N GLY C 87 2.99 -32.14 23.37
CA GLY C 87 1.72 -32.05 24.06
C GLY C 87 0.61 -32.76 23.31
N LEU C 88 -0.02 -33.75 23.91
CA LEU C 88 -1.01 -34.58 23.24
C LEU C 88 -2.31 -34.58 24.04
N THR C 89 -3.41 -34.35 23.33
CA THR C 89 -4.75 -34.36 23.92
C THR C 89 -5.71 -34.98 22.91
N PHE C 90 -7.00 -34.98 23.27
CA PHE C 90 -8.00 -35.58 22.39
C PHE C 90 -8.26 -34.73 21.15
N GLU C 91 -8.06 -33.42 21.24
CA GLU C 91 -8.41 -32.53 20.15
C GLU C 91 -7.41 -32.55 19.00
N ASP C 92 -6.25 -33.18 19.18
CA ASP C 92 -5.22 -33.16 18.15
C ASP C 92 -5.32 -34.33 17.18
N SER C 93 -6.30 -35.21 17.33
CA SER C 93 -6.40 -36.42 16.52
C SER C 93 -6.86 -36.06 15.12
N ALA C 94 -5.90 -35.82 14.23
CA ALA C 94 -6.18 -35.51 12.84
C ALA C 94 -4.94 -35.85 12.02
N VAL C 95 -5.13 -35.96 10.70
CA VAL C 95 -4.02 -36.32 9.84
C VAL C 95 -3.25 -35.07 9.45
N TYR C 96 -1.99 -35.26 9.05
CA TYR C 96 -1.12 -34.17 8.65
C TYR C 96 -0.57 -34.47 7.27
N PHE C 97 -0.37 -33.41 6.48
CA PHE C 97 0.03 -33.56 5.09
C PHE C 97 1.42 -32.99 4.88
N CYS C 98 2.02 -33.36 3.76
CA CYS C 98 3.32 -32.86 3.34
C CYS C 98 3.15 -32.21 1.98
N ALA C 99 3.78 -31.05 1.80
CA ALA C 99 3.58 -30.31 0.56
C ALA C 99 4.85 -29.53 0.22
N ARG C 100 4.95 -29.16 -1.05
CA ARG C 100 6.10 -28.42 -1.56
C ARG C 100 5.62 -27.06 -2.03
N ASP C 101 6.40 -26.03 -1.73
CA ASP C 101 6.11 -24.69 -2.22
C ASP C 101 6.31 -24.63 -3.73
N PRO C 104 4.74 -21.31 -8.48
CA PRO C 104 4.72 -22.69 -7.95
C PRO C 104 4.00 -22.80 -6.62
N PRO C 105 2.68 -22.96 -6.64
CA PRO C 105 1.95 -23.09 -5.36
C PRO C 105 2.02 -24.49 -4.77
N PHE C 106 0.89 -25.05 -4.34
CA PHE C 106 0.84 -26.35 -3.68
C PHE C 106 0.64 -27.49 -4.68
N VAL C 107 1.62 -27.78 -5.53
CA VAL C 107 1.39 -28.73 -6.63
C VAL C 107 1.49 -30.17 -6.13
N TYR C 108 2.65 -30.56 -5.61
CA TYR C 108 2.92 -31.94 -5.24
C TYR C 108 2.61 -32.16 -3.76
N TRP C 109 1.86 -33.22 -3.47
CA TRP C 109 1.40 -33.52 -2.12
C TRP C 109 1.84 -34.93 -1.74
N GLY C 110 1.63 -35.27 -0.48
CA GLY C 110 2.01 -36.57 0.04
C GLY C 110 0.84 -37.54 0.14
N GLN C 111 0.79 -38.31 1.22
CA GLN C 111 -0.28 -39.29 1.38
C GLN C 111 -1.10 -39.10 2.65
N GLY C 112 -0.46 -38.82 3.78
CA GLY C 112 -1.16 -38.62 5.03
C GLY C 112 -0.75 -39.62 6.09
N THR C 113 -1.18 -39.34 7.32
CA THR C 113 -0.83 -40.16 8.47
C THR C 113 -1.92 -40.09 9.51
N LEU C 114 -2.51 -41.23 9.84
CA LEU C 114 -3.61 -41.31 10.81
C LEU C 114 -3.03 -41.28 12.22
N VAL C 115 -2.95 -40.08 12.78
CA VAL C 115 -2.46 -39.89 14.14
C VAL C 115 -3.63 -39.84 15.08
N THR C 116 -3.69 -40.79 16.01
CA THR C 116 -4.77 -40.87 16.99
C THR C 116 -4.18 -40.88 18.39
N VAL C 117 -5.04 -40.60 19.37
CA VAL C 117 -4.63 -40.60 20.77
C VAL C 117 -5.43 -41.63 21.55
N ILE D 4 -9.09 -11.34 8.91
CA ILE D 4 -9.42 -11.93 7.62
C ILE D 4 -10.24 -13.20 7.82
N GLN D 5 -11.32 -13.34 7.05
CA GLN D 5 -12.24 -14.46 7.19
C GLN D 5 -12.58 -15.01 5.82
N MET D 6 -13.06 -16.26 5.81
CA MET D 6 -13.53 -16.92 4.60
C MET D 6 -14.85 -17.62 4.87
N THR D 7 -15.92 -17.14 4.24
CA THR D 7 -17.23 -17.78 4.28
C THR D 7 -17.71 -17.98 2.86
N GLN D 8 -18.35 -19.12 2.61
CA GLN D 8 -18.90 -19.43 1.30
C GLN D 8 -20.34 -19.92 1.45
N SER D 9 -21.15 -19.68 0.43
CA SER D 9 -22.60 -19.84 0.51
C SER D 9 -23.19 -21.17 0.02
N PRO D 10 -22.89 -21.67 -1.20
CA PRO D 10 -23.78 -22.69 -1.80
C PRO D 10 -23.91 -24.00 -1.05
N ALA D 11 -22.84 -24.47 -0.40
CA ALA D 11 -22.80 -25.71 0.41
C ALA D 11 -23.19 -26.88 -0.49
N SER D 12 -24.41 -27.43 -0.34
CA SER D 12 -24.86 -28.58 -1.11
C SER D 12 -25.64 -28.09 -2.32
N LEU D 13 -25.46 -28.76 -3.46
CA LEU D 13 -26.06 -28.28 -4.69
C LEU D 13 -27.11 -29.24 -5.24
N SER D 14 -26.73 -30.08 -6.20
CA SER D 14 -27.72 -30.89 -6.91
C SER D 14 -27.13 -32.26 -7.22
N ALA D 15 -27.97 -33.11 -7.81
CA ALA D 15 -27.60 -34.48 -8.14
C ALA D 15 -27.95 -34.86 -9.57
N SER D 16 -27.79 -33.94 -10.52
CA SER D 16 -28.14 -34.17 -11.91
C SER D 16 -26.91 -34.00 -12.79
N VAL D 17 -26.90 -34.69 -13.93
CA VAL D 17 -25.77 -34.66 -14.86
C VAL D 17 -26.15 -33.79 -16.05
N GLY D 18 -25.33 -32.78 -16.33
CA GLY D 18 -25.49 -32.03 -17.57
C GLY D 18 -25.50 -30.52 -17.43
N GLU D 19 -26.10 -30.00 -16.37
CA GLU D 19 -26.28 -28.56 -16.25
C GLU D 19 -25.10 -27.91 -15.54
N THR D 20 -25.01 -26.59 -15.68
CA THR D 20 -23.93 -25.83 -15.07
C THR D 20 -24.13 -25.72 -13.56
N VAL D 21 -23.01 -25.54 -12.85
CA VAL D 21 -23.02 -25.32 -11.41
C VAL D 21 -22.22 -24.07 -11.11
N THR D 22 -22.54 -23.45 -9.97
CA THR D 22 -21.89 -22.22 -9.53
C THR D 22 -21.36 -22.41 -8.11
N ILE D 23 -20.07 -22.19 -7.93
CA ILE D 23 -19.43 -22.22 -6.62
C ILE D 23 -18.74 -20.89 -6.39
N THR D 24 -18.94 -20.30 -5.22
CA THR D 24 -18.37 -18.99 -4.91
C THR D 24 -17.83 -18.96 -3.49
N CYS D 25 -16.77 -18.17 -3.29
CA CYS D 25 -16.22 -17.89 -1.97
C CYS D 25 -16.29 -16.38 -1.72
N ARG D 26 -16.56 -16.02 -0.48
CA ARG D 26 -16.69 -14.62 -0.09
C ARG D 26 -15.65 -14.27 0.97
N ALA D 27 -15.00 -13.12 0.78
CA ALA D 27 -13.96 -12.67 1.68
C ALA D 27 -14.16 -11.18 1.93
N SER D 28 -13.70 -10.74 3.10
CA SER D 28 -13.80 -9.33 3.43
C SER D 28 -12.41 -8.69 3.50
N GLU D 29 -12.40 -7.40 3.85
CA GLU D 29 -11.21 -6.53 3.86
C GLU D 29 -10.46 -6.51 2.53
N ASN D 30 -11.16 -6.88 1.44
CA ASN D 30 -10.69 -6.74 0.06
C ASN D 30 -9.35 -7.45 -0.16
N ILE D 31 -9.37 -8.78 -0.25
CA ILE D 31 -8.19 -9.50 -0.70
C ILE D 31 -8.02 -9.25 -2.19
N TYR D 32 -6.78 -9.36 -2.66
CA TYR D 32 -6.55 -9.02 -4.05
C TYR D 32 -6.46 -10.27 -4.91
N SER D 33 -5.87 -10.13 -6.09
CA SER D 33 -5.86 -11.20 -7.08
C SER D 33 -4.83 -12.25 -6.67
N ASN D 34 -5.19 -13.06 -5.66
CA ASN D 34 -4.31 -14.10 -5.10
C ASN D 34 -5.19 -15.15 -4.40
N LEU D 35 -6.13 -15.73 -5.15
CA LEU D 35 -7.02 -16.75 -4.64
C LEU D 35 -6.94 -17.98 -5.52
N ALA D 36 -6.74 -19.14 -4.91
CA ALA D 36 -6.58 -20.39 -5.62
C ALA D 36 -7.74 -21.33 -5.33
N TRP D 37 -8.17 -22.07 -6.35
CA TRP D 37 -9.23 -23.06 -6.25
C TRP D 37 -8.69 -24.44 -6.55
N TYR D 38 -9.05 -25.40 -5.71
CA TYR D 38 -8.68 -26.80 -5.92
C TYR D 38 -9.68 -27.69 -5.21
N GLN D 39 -9.73 -28.96 -5.62
CA GLN D 39 -10.79 -29.87 -5.22
C GLN D 39 -10.24 -31.00 -4.37
N GLN D 40 -11.13 -31.60 -3.58
CA GLN D 40 -10.81 -32.70 -2.70
C GLN D 40 -11.61 -33.93 -3.12
N LYS D 41 -10.92 -35.07 -3.23
CA LYS D 41 -11.57 -36.36 -3.42
C LYS D 41 -11.56 -37.05 -2.07
N GLN D 42 -12.53 -37.94 -1.84
CA GLN D 42 -12.74 -38.50 -0.50
C GLN D 42 -11.56 -39.36 -0.05
N GLY D 43 -10.88 -40.02 -0.99
CA GLY D 43 -9.80 -40.91 -0.61
C GLY D 43 -8.44 -40.56 -1.20
N LYS D 44 -8.31 -39.37 -1.78
CA LYS D 44 -7.08 -39.03 -2.49
C LYS D 44 -6.52 -37.73 -1.95
N SER D 45 -5.27 -37.47 -2.31
CA SER D 45 -4.66 -36.18 -2.04
C SER D 45 -5.23 -35.13 -2.99
N PRO D 46 -5.44 -33.90 -2.53
CA PRO D 46 -6.00 -32.87 -3.40
C PRO D 46 -5.02 -32.44 -4.47
N GLN D 47 -5.56 -31.95 -5.58
CA GLN D 47 -4.76 -31.46 -6.69
C GLN D 47 -5.30 -30.11 -7.14
N LEU D 48 -4.39 -29.28 -7.66
CA LEU D 48 -4.70 -27.90 -7.98
C LEU D 48 -5.32 -27.78 -9.38
N LEU D 49 -6.19 -26.79 -9.54
CA LEU D 49 -6.92 -26.56 -10.78
C LEU D 49 -6.58 -25.24 -11.45
N VAL D 50 -6.71 -24.13 -10.72
CA VAL D 50 -6.54 -22.80 -11.30
C VAL D 50 -5.66 -21.96 -10.38
N ASP D 51 -4.86 -21.09 -10.96
CA ASP D 51 -3.97 -20.28 -10.16
C ASP D 51 -4.72 -19.12 -9.62
N GLY D 52 -4.01 -18.15 -9.07
CA GLY D 52 -4.67 -16.94 -8.62
C GLY D 52 -5.15 -16.08 -9.78
N ALA D 53 -6.21 -15.31 -9.52
CA ALA D 53 -7.03 -14.62 -10.52
C ALA D 53 -7.54 -15.68 -11.48
N THR D 54 -7.36 -15.54 -12.79
CA THR D 54 -7.76 -16.55 -13.75
C THR D 54 -6.53 -17.05 -14.52
N ASN D 55 -6.22 -18.34 -14.36
CA ASN D 55 -5.08 -18.99 -14.99
C ASN D 55 -5.19 -20.49 -14.84
N LEU D 56 -5.61 -21.19 -15.90
CA LEU D 56 -5.76 -22.63 -15.84
C LEU D 56 -4.40 -23.29 -15.78
N ALA D 57 -4.16 -24.07 -14.72
CA ALA D 57 -2.87 -24.71 -14.52
C ALA D 57 -2.79 -26.02 -15.28
N ASP D 58 -1.57 -26.51 -15.44
CA ASP D 58 -1.35 -27.79 -16.11
C ASP D 58 -1.80 -28.93 -15.21
N GLY D 59 -2.42 -29.94 -15.82
CA GLY D 59 -2.89 -31.11 -15.11
C GLY D 59 -4.32 -31.50 -15.40
N VAL D 60 -5.13 -30.59 -15.94
CA VAL D 60 -6.50 -30.93 -16.29
C VAL D 60 -6.83 -30.35 -17.67
N PRO D 61 -7.38 -31.15 -18.58
CA PRO D 61 -7.75 -30.61 -19.89
C PRO D 61 -9.24 -30.33 -20.00
N SER D 62 -9.96 -30.48 -18.90
CA SER D 62 -11.41 -30.30 -18.92
C SER D 62 -11.76 -28.82 -18.90
N ARG D 63 -13.05 -28.53 -19.06
CA ARG D 63 -13.53 -27.16 -19.12
C ARG D 63 -13.63 -26.62 -17.70
N PHE D 64 -12.62 -25.84 -17.28
CA PHE D 64 -12.64 -25.19 -15.98
C PHE D 64 -12.17 -23.75 -16.18
N SER D 65 -13.08 -22.79 -16.03
CA SER D 65 -12.77 -21.39 -16.20
C SER D 65 -13.24 -20.60 -14.99
N GLY D 66 -12.33 -19.82 -14.42
CA GLY D 66 -12.62 -19.02 -13.24
C GLY D 66 -12.71 -17.54 -13.60
N SER D 67 -13.43 -16.80 -12.76
CA SER D 67 -13.60 -15.36 -12.99
C SER D 67 -13.88 -14.69 -11.66
N GLY D 68 -13.68 -13.38 -11.63
CA GLY D 68 -13.99 -12.61 -10.44
C GLY D 68 -12.78 -11.84 -9.94
N SER D 69 -13.04 -10.65 -9.39
CA SER D 69 -12.00 -9.81 -8.83
C SER D 69 -12.60 -8.97 -7.71
N GLY D 70 -11.75 -8.22 -7.03
CA GLY D 70 -12.19 -7.42 -5.90
C GLY D 70 -12.52 -8.28 -4.70
N THR D 71 -13.75 -8.16 -4.19
CA THR D 71 -14.17 -8.96 -3.04
C THR D 71 -15.03 -10.17 -3.39
N GLN D 72 -15.46 -10.34 -4.65
CA GLN D 72 -16.34 -11.42 -5.04
C GLN D 72 -15.62 -12.35 -6.01
N PHE D 73 -15.68 -13.65 -5.75
CA PHE D 73 -15.06 -14.65 -6.60
C PHE D 73 -16.00 -15.85 -6.74
N SER D 74 -16.20 -16.30 -7.98
CA SER D 74 -17.09 -17.41 -8.26
C SER D 74 -16.50 -18.26 -9.37
N LEU D 75 -16.97 -19.51 -9.45
CA LEU D 75 -16.51 -20.47 -10.45
C LEU D 75 -17.70 -21.00 -11.21
N LYS D 76 -17.58 -21.05 -12.54
CA LYS D 76 -18.65 -21.55 -13.40
C LYS D 76 -18.05 -22.48 -14.45
N ILE D 77 -18.68 -23.64 -14.64
CA ILE D 77 -18.25 -24.63 -15.61
C ILE D 77 -19.46 -25.07 -16.43
N ASN D 78 -19.26 -25.28 -17.73
CA ASN D 78 -20.39 -25.48 -18.63
C ASN D 78 -20.95 -26.89 -18.57
N SER D 79 -20.09 -27.90 -18.48
CA SER D 79 -20.52 -29.30 -18.54
C SER D 79 -19.89 -30.08 -17.39
N VAL D 80 -20.68 -30.99 -16.81
CA VAL D 80 -20.21 -31.88 -15.75
C VAL D 80 -20.53 -33.32 -16.14
N GLN D 81 -19.52 -34.18 -16.07
CA GLN D 81 -19.68 -35.61 -16.26
C GLN D 81 -18.47 -36.32 -15.68
N SER D 82 -18.74 -37.40 -14.93
CA SER D 82 -17.72 -38.32 -14.39
C SER D 82 -16.65 -37.59 -13.57
N GLU D 83 -17.04 -36.53 -12.88
CA GLU D 83 -16.11 -35.69 -12.16
C GLU D 83 -16.05 -36.12 -10.70
N ASP D 84 -15.57 -35.19 -9.87
CA ASP D 84 -15.29 -35.49 -8.47
C ASP D 84 -16.56 -35.58 -7.64
N PHE D 85 -16.49 -36.35 -6.55
CA PHE D 85 -17.63 -36.52 -5.66
C PHE D 85 -17.45 -35.69 -4.39
N GLY D 86 -16.22 -35.24 -4.12
CA GLY D 86 -15.91 -34.71 -2.80
C GLY D 86 -16.28 -33.26 -2.61
N ASN D 87 -15.29 -32.37 -2.60
CA ASN D 87 -15.52 -31.01 -2.12
C ASN D 87 -14.65 -30.05 -2.92
N TYR D 88 -14.93 -28.75 -2.75
CA TYR D 88 -14.17 -27.67 -3.37
C TYR D 88 -13.70 -26.69 -2.30
N TYR D 89 -12.42 -26.34 -2.37
CA TYR D 89 -11.78 -25.49 -1.37
C TYR D 89 -11.12 -24.30 -2.05
N CYS D 90 -11.16 -23.14 -1.40
CA CYS D 90 -10.57 -21.92 -1.93
C CYS D 90 -9.50 -21.40 -0.97
N GLN D 91 -8.36 -21.00 -1.54
CA GLN D 91 -7.18 -20.61 -0.77
C GLN D 91 -6.65 -19.25 -1.21
N HIS D 92 -6.49 -18.36 -0.24
CA HIS D 92 -5.99 -17.01 -0.48
C HIS D 92 -4.51 -16.91 -0.14
N PHE D 93 -3.85 -15.94 -0.75
CA PHE D 93 -2.43 -15.66 -0.53
C PHE D 93 -2.31 -14.17 -0.22
N TYR D 94 -2.48 -13.80 1.04
CA TYR D 94 -2.39 -12.39 1.40
C TYR D 94 -1.37 -12.13 2.49
N GLY D 95 -1.57 -12.70 3.67
CA GLY D 95 -0.64 -12.47 4.76
C GLY D 95 -0.08 -13.74 5.36
N THR D 96 0.56 -13.62 6.52
CA THR D 96 1.11 -14.77 7.21
C THR D 96 0.06 -15.83 7.61
N PRO D 97 -1.09 -15.49 8.27
CA PRO D 97 -2.02 -16.57 8.63
C PRO D 97 -2.93 -16.99 7.49
N PHE D 98 -2.49 -17.96 6.70
CA PHE D 98 -3.32 -18.53 5.64
C PHE D 98 -4.50 -19.26 6.25
N THR D 99 -5.69 -19.01 5.72
CA THR D 99 -6.91 -19.63 6.22
C THR D 99 -7.72 -20.17 5.05
N PHE D 100 -8.37 -21.31 5.26
CA PHE D 100 -9.13 -21.98 4.21
C PHE D 100 -10.62 -21.81 4.48
N GLY D 101 -11.41 -21.85 3.41
CA GLY D 101 -12.85 -21.76 3.57
C GLY D 101 -13.46 -23.07 4.02
N THR D 102 -14.79 -23.08 4.14
CA THR D 102 -15.49 -24.28 4.57
C THR D 102 -15.68 -25.25 3.42
N GLY D 103 -16.73 -26.07 3.50
CA GLY D 103 -16.94 -27.11 2.51
C GLY D 103 -18.20 -26.89 1.68
N THR D 104 -18.09 -27.22 0.39
CA THR D 104 -19.23 -27.37 -0.51
C THR D 104 -19.17 -28.73 -1.19
N LYS D 105 -20.30 -29.44 -1.22
CA LYS D 105 -20.36 -30.80 -1.72
C LYS D 105 -21.18 -30.84 -3.01
N LEU D 106 -20.62 -31.44 -4.04
CA LEU D 106 -21.31 -31.70 -5.30
C LEU D 106 -21.50 -33.20 -5.45
N GLU D 107 -22.71 -33.63 -5.82
CA GLU D 107 -23.01 -35.05 -5.83
C GLU D 107 -22.68 -35.69 -7.18
N MET D 108 -23.46 -35.35 -8.21
CA MET D 108 -23.56 -36.06 -9.51
C MET D 108 -23.06 -37.51 -9.58
N PHE E 1 5.36 9.30 -0.06
CA PHE E 1 6.66 8.69 -0.24
C PHE E 1 7.64 9.62 -0.95
N ALA E 2 8.76 9.90 -0.29
CA ALA E 2 9.83 10.69 -0.86
C ALA E 2 11.16 10.15 -0.35
N CYS E 3 11.44 8.88 -0.68
CA CYS E 3 12.60 8.18 -0.16
C CYS E 3 13.88 8.75 -0.78
N LYS E 4 14.95 8.72 0.02
CA LYS E 4 16.24 9.23 -0.42
C LYS E 4 17.34 8.27 0.01
N THR E 5 18.45 8.31 -0.73
CA THR E 5 19.60 7.44 -0.50
C THR E 5 20.57 8.16 0.42
N ALA E 6 21.29 7.39 1.25
CA ALA E 6 22.24 7.95 2.20
C ALA E 6 23.40 8.69 1.53
N SER E 7 23.66 8.43 0.25
CA SER E 7 24.66 9.17 -0.49
C SER E 7 24.13 10.47 -1.06
N GLY E 8 22.87 10.81 -0.82
CA GLY E 8 22.28 12.03 -1.33
C GLY E 8 21.43 11.87 -2.57
N THR E 9 21.16 10.65 -3.01
CA THR E 9 20.38 10.42 -4.22
C THR E 9 18.89 10.38 -3.89
N ALA E 10 18.11 11.17 -4.62
CA ALA E 10 16.67 11.16 -4.52
C ALA E 10 16.07 10.35 -5.67
N ILE E 11 14.99 9.65 -5.39
CA ILE E 11 14.39 8.75 -6.37
C ILE E 11 13.19 9.42 -7.02
N PRO E 12 12.86 9.11 -8.27
CA PRO E 12 11.62 9.62 -8.86
C PRO E 12 10.41 8.88 -8.32
N ILE E 13 9.29 9.58 -8.26
CA ILE E 13 8.06 9.01 -7.73
C ILE E 13 6.92 8.99 -8.75
N GLY E 14 6.93 9.90 -9.74
CA GLY E 14 5.84 9.94 -10.71
C GLY E 14 5.81 8.74 -11.63
N ALA E 15 6.98 8.29 -12.08
CA ALA E 15 7.08 7.19 -13.03
C ALA E 15 7.16 5.85 -12.31
N ALA E 16 6.83 4.80 -13.05
CA ALA E 16 6.84 3.46 -12.48
C ALA E 16 8.26 2.93 -12.27
N SER E 17 9.13 3.16 -13.25
CA SER E 17 10.49 2.64 -13.18
C SER E 17 11.41 3.60 -12.42
N ALA E 18 12.36 3.04 -11.70
CA ALA E 18 13.30 3.84 -10.93
C ALA E 18 14.58 3.04 -10.72
N ASN E 19 15.66 3.75 -10.39
CA ASN E 19 16.96 3.15 -10.16
C ASN E 19 17.55 3.66 -8.85
N VAL E 20 18.18 2.76 -8.11
CA VAL E 20 18.90 3.12 -6.89
C VAL E 20 20.32 2.53 -7.00
N TYR E 21 21.28 3.26 -6.44
CA TYR E 21 22.70 2.88 -6.51
C TYR E 21 23.17 2.63 -5.07
N VAL E 22 23.29 1.38 -4.67
CA VAL E 22 23.63 1.01 -3.31
C VAL E 22 24.88 0.14 -3.34
N ASN E 23 25.87 0.49 -2.51
CA ASN E 23 27.06 -0.33 -2.37
C ASN E 23 26.76 -1.57 -1.54
N LEU E 24 27.68 -2.53 -1.59
CA LEU E 24 27.48 -3.85 -0.99
C LEU E 24 28.55 -4.13 0.05
N ALA E 25 28.16 -4.81 1.12
CA ALA E 25 29.08 -5.24 2.18
C ALA E 25 28.80 -6.69 2.54
N PRO E 26 29.29 -7.64 1.75
CA PRO E 26 29.00 -9.05 2.03
C PRO E 26 29.69 -9.56 3.29
N ALA E 27 29.02 -10.52 3.94
CA ALA E 27 29.57 -11.22 5.10
C ALA E 27 28.86 -12.55 5.22
N VAL E 28 29.44 -13.45 6.02
CA VAL E 28 28.98 -14.83 6.13
C VAL E 28 28.37 -15.04 7.51
N ASN E 29 27.26 -15.77 7.55
CA ASN E 29 26.61 -16.16 8.79
C ASN E 29 26.69 -17.68 8.95
N VAL E 30 26.06 -18.16 10.02
CA VAL E 30 26.16 -19.57 10.38
C VAL E 30 25.39 -20.45 9.39
N GLY E 31 24.22 -19.99 8.94
CA GLY E 31 23.43 -20.78 8.01
C GLY E 31 23.56 -20.27 6.58
N GLN E 32 23.24 -18.99 6.38
CA GLN E 32 23.34 -18.37 5.06
C GLN E 32 24.43 -17.31 5.08
N ASN E 33 24.34 -16.35 4.17
CA ASN E 33 25.25 -15.21 4.13
C ASN E 33 24.56 -14.06 3.42
N LEU E 34 24.56 -12.89 4.05
CA LEU E 34 23.89 -11.72 3.49
C LEU E 34 24.68 -11.16 2.33
N VAL E 35 23.97 -10.68 1.32
CA VAL E 35 24.57 -10.10 0.13
C VAL E 35 24.36 -8.59 0.09
N VAL E 36 23.11 -8.15 0.23
CA VAL E 36 22.76 -6.73 0.21
C VAL E 36 21.99 -6.41 1.48
N ASP E 37 22.46 -5.42 2.23
CA ASP E 37 21.78 -4.97 3.44
C ASP E 37 21.27 -3.56 3.17
N LEU E 38 19.98 -3.45 2.87
CA LEU E 38 19.36 -2.18 2.52
C LEU E 38 18.76 -1.45 3.71
N SER E 39 18.89 -1.99 4.92
CA SER E 39 18.25 -1.41 6.10
C SER E 39 18.95 -0.16 6.62
N THR E 40 19.96 0.33 5.91
CA THR E 40 20.66 1.56 6.26
C THR E 40 20.60 2.59 5.14
N GLN E 41 20.74 2.16 3.89
CA GLN E 41 20.83 3.09 2.78
C GLN E 41 19.48 3.69 2.40
N ILE E 42 18.41 2.91 2.51
CA ILE E 42 17.09 3.34 2.05
C ILE E 42 16.18 3.55 3.26
N PHE E 43 15.68 4.77 3.40
CA PHE E 43 14.72 5.13 4.44
C PHE E 43 13.93 6.33 3.97
N CYS E 44 12.65 6.39 4.37
CA CYS E 44 11.68 7.29 3.76
C CYS E 44 11.00 8.14 4.81
N HIS E 45 10.36 9.21 4.34
CA HIS E 45 9.49 10.05 5.15
C HIS E 45 8.19 10.29 4.40
N ASN E 46 7.11 10.47 5.16
CA ASN E 46 5.81 10.73 4.58
C ASN E 46 5.49 12.22 4.64
N ASP E 47 4.30 12.57 4.17
CA ASP E 47 3.78 13.94 4.26
C ASP E 47 2.39 13.91 4.85
N TYR E 48 2.06 14.95 5.61
CA TYR E 48 0.74 15.22 6.18
C TYR E 48 0.29 14.08 7.08
N PRO E 49 0.76 14.02 8.33
CA PRO E 49 0.41 12.89 9.20
C PRO E 49 -1.02 12.94 9.72
N GLU E 50 -1.65 14.12 9.71
CA GLU E 50 -2.92 14.27 10.42
C GLU E 50 -4.08 13.63 9.66
N THR E 51 -4.05 13.69 8.33
CA THR E 51 -5.17 13.23 7.52
C THR E 51 -4.88 11.90 6.82
N ILE E 52 -3.75 11.79 6.15
CA ILE E 52 -3.45 10.69 5.25
C ILE E 52 -2.31 9.86 5.82
N THR E 53 -2.54 8.58 6.02
CA THR E 53 -1.50 7.63 6.37
C THR E 53 -1.24 6.72 5.17
N ASP E 54 -0.11 6.00 5.20
CA ASP E 54 0.36 5.27 4.03
C ASP E 54 0.62 3.81 4.38
N TYR E 55 0.57 2.97 3.35
CA TYR E 55 0.94 1.56 3.44
C TYR E 55 1.64 1.14 2.15
N VAL E 56 2.63 0.27 2.27
CA VAL E 56 3.41 -0.19 1.12
C VAL E 56 3.64 -1.70 1.26
N THR E 57 3.53 -2.42 0.14
CA THR E 57 3.67 -3.87 0.09
C THR E 57 4.34 -4.26 -1.23
N LEU E 58 4.75 -5.54 -1.33
CA LEU E 58 5.28 -6.08 -2.57
C LEU E 58 4.56 -7.38 -2.94
N GLN E 59 4.40 -7.61 -4.25
CA GLN E 59 3.79 -8.83 -4.76
C GLN E 59 4.80 -9.95 -4.99
N ARG E 60 4.30 -11.02 -5.61
CA ARG E 60 5.02 -12.26 -5.81
C ARG E 60 5.78 -12.30 -7.13
N GLY E 61 5.75 -11.23 -7.91
CA GLY E 61 6.42 -11.22 -9.19
C GLY E 61 7.85 -10.74 -9.17
N SER E 62 8.55 -10.99 -8.07
CA SER E 62 9.93 -10.57 -7.91
C SER E 62 10.88 -11.66 -8.36
N ALA E 63 12.05 -11.25 -8.84
CA ALA E 63 13.05 -12.19 -9.34
C ALA E 63 14.43 -11.78 -8.87
N TYR E 64 15.39 -12.69 -9.01
CA TYR E 64 16.77 -12.47 -8.62
C TYR E 64 17.68 -12.33 -9.84
N GLY E 65 17.10 -12.32 -11.03
CA GLY E 65 17.84 -12.43 -12.26
C GLY E 65 18.70 -11.22 -12.57
N GLY E 66 19.50 -11.37 -13.63
CA GLY E 66 20.50 -10.39 -14.00
C GLY E 66 21.75 -11.12 -14.46
N VAL E 67 22.91 -10.76 -13.88
CA VAL E 67 24.11 -11.55 -14.13
C VAL E 67 24.00 -12.90 -13.45
N LEU E 68 23.56 -12.92 -12.19
CA LEU E 68 23.47 -14.17 -11.44
C LEU E 68 22.21 -14.94 -11.82
N SER E 69 22.32 -16.27 -11.76
CA SER E 69 21.17 -17.13 -11.96
C SER E 69 20.28 -17.12 -10.72
N SER E 70 19.09 -17.69 -10.86
CA SER E 70 18.14 -17.73 -9.75
C SER E 70 18.62 -18.70 -8.68
N PHE E 71 18.65 -18.23 -7.44
CA PHE E 71 18.97 -19.03 -6.28
C PHE E 71 17.80 -19.02 -5.31
N SER E 72 17.99 -19.57 -4.12
CA SER E 72 16.98 -19.57 -3.08
C SER E 72 17.39 -18.59 -2.00
N GLY E 73 16.71 -17.44 -1.95
CA GLY E 73 17.05 -16.39 -1.00
C GLY E 73 16.24 -16.46 0.28
N THR E 74 16.44 -15.44 1.11
CA THR E 74 15.72 -15.27 2.37
C THR E 74 15.54 -13.79 2.64
N VAL E 75 14.31 -13.37 2.89
CA VAL E 75 13.96 -11.95 2.99
C VAL E 75 13.30 -11.70 4.33
N LYS E 76 13.78 -10.70 5.06
CA LYS E 76 13.19 -10.25 6.31
C LYS E 76 12.53 -8.90 6.07
N TYR E 77 11.21 -8.90 5.88
CA TYR E 77 10.42 -7.68 5.71
C TYR E 77 9.85 -7.26 7.06
N SER E 78 10.76 -6.85 7.96
CA SER E 78 10.43 -6.46 9.34
C SER E 78 9.68 -7.57 10.07
N GLY E 79 10.09 -8.81 9.83
CA GLY E 79 9.43 -9.96 10.42
C GLY E 79 10.15 -11.27 10.18
N SER E 80 9.42 -12.25 9.66
CA SER E 80 9.96 -13.58 9.47
C SER E 80 10.66 -13.71 8.12
N SER E 81 10.97 -14.94 7.74
CA SER E 81 11.71 -15.21 6.53
C SER E 81 10.80 -15.67 5.40
N TYR E 82 10.98 -15.09 4.22
CA TYR E 82 10.26 -15.45 3.01
C TYR E 82 11.25 -15.79 1.91
N PRO E 83 10.90 -16.73 1.02
CA PRO E 83 11.78 -17.04 -0.10
C PRO E 83 11.85 -15.88 -1.09
N PHE E 84 13.06 -15.58 -1.56
CA PHE E 84 13.22 -14.41 -2.41
C PHE E 84 12.62 -14.60 -3.80
N PRO E 85 12.65 -15.80 -4.42
CA PRO E 85 11.68 -16.06 -5.48
C PRO E 85 10.29 -16.13 -4.87
N THR E 86 9.68 -14.95 -4.70
CA THR E 86 8.51 -14.80 -3.86
C THR E 86 7.28 -15.50 -4.44
N THR E 87 6.62 -16.28 -3.59
CA THR E 87 5.40 -17.00 -3.95
C THR E 87 4.18 -16.52 -3.18
N SER E 88 4.33 -15.51 -2.34
CA SER E 88 3.25 -15.04 -1.48
C SER E 88 3.22 -13.52 -1.48
N GLU E 89 2.43 -12.95 -0.58
CA GLU E 89 2.31 -11.52 -0.42
C GLU E 89 2.76 -11.14 0.98
N THR E 90 3.45 -10.00 1.09
CA THR E 90 4.02 -9.59 2.36
C THR E 90 2.94 -9.05 3.30
N PRO E 91 3.18 -9.07 4.61
CA PRO E 91 2.33 -8.30 5.53
C PRO E 91 2.51 -6.81 5.33
N ARG E 92 1.63 -6.05 5.97
CA ARG E 92 1.55 -4.62 5.76
C ARG E 92 2.40 -3.86 6.77
N VAL E 93 3.06 -2.80 6.30
CA VAL E 93 3.79 -1.88 7.16
C VAL E 93 3.18 -0.49 6.99
N VAL E 94 3.26 0.31 8.05
CA VAL E 94 2.54 1.57 8.13
C VAL E 94 3.53 2.70 8.43
N TYR E 95 3.34 3.83 7.78
CA TYR E 95 4.08 5.06 8.05
C TYR E 95 3.11 6.10 8.59
N ASN E 96 3.56 6.85 9.60
CA ASN E 96 2.69 7.90 10.15
C ASN E 96 3.48 9.13 10.61
N SER E 97 4.57 8.94 11.33
CA SER E 97 5.32 10.07 11.86
C SER E 97 6.09 10.79 10.75
N ARG E 98 6.24 12.10 10.91
CA ARG E 98 6.91 12.91 9.90
C ARG E 98 8.42 12.69 9.87
N THR E 99 9.00 12.19 10.96
CA THR E 99 10.44 11.96 11.00
C THR E 99 10.81 10.75 10.14
N ASP E 100 12.10 10.66 9.83
CA ASP E 100 12.59 9.57 8.99
C ASP E 100 12.47 8.23 9.71
N LYS E 101 12.05 7.21 8.96
CA LYS E 101 11.88 5.87 9.49
C LYS E 101 12.57 4.89 8.55
N PRO E 102 13.33 3.93 9.08
CA PRO E 102 13.97 2.94 8.21
C PRO E 102 12.98 1.97 7.62
N TRP E 103 13.38 1.34 6.50
CA TRP E 103 12.57 0.38 5.77
C TRP E 103 13.37 -0.92 5.69
N PRO E 104 13.26 -1.77 6.71
CA PRO E 104 14.21 -2.89 6.86
C PRO E 104 13.89 -4.05 5.93
N VAL E 105 14.82 -4.35 5.03
CA VAL E 105 14.78 -5.57 4.23
C VAL E 105 16.17 -6.20 4.29
N ALA E 106 16.23 -7.49 3.96
CA ALA E 106 17.48 -8.23 3.92
C ALA E 106 17.46 -9.18 2.74
N LEU E 107 18.65 -9.49 2.22
CA LEU E 107 18.79 -10.35 1.05
C LEU E 107 19.87 -11.40 1.36
N TYR E 108 19.48 -12.67 1.36
CA TYR E 108 20.39 -13.75 1.67
C TYR E 108 20.65 -14.61 0.43
N LEU E 109 21.37 -15.72 0.64
CA LEU E 109 21.68 -16.66 -0.42
C LEU E 109 21.98 -18.01 0.23
N THR E 110 21.48 -19.08 -0.39
CA THR E 110 21.60 -20.47 0.02
C THR E 110 22.88 -21.09 -0.56
N PRO E 111 23.75 -21.64 0.30
CA PRO E 111 25.04 -22.15 -0.20
C PRO E 111 24.94 -23.44 -0.99
N VAL E 112 25.64 -23.51 -2.13
CA VAL E 112 25.64 -24.72 -2.93
C VAL E 112 26.99 -25.41 -2.87
N SER E 113 28.07 -24.65 -2.64
CA SER E 113 29.42 -25.20 -2.66
C SER E 113 30.23 -24.55 -1.55
N SER E 114 31.30 -25.24 -1.15
CA SER E 114 32.11 -24.76 -0.03
C SER E 114 33.21 -23.83 -0.49
N ALA E 115 33.40 -23.68 -1.80
CA ALA E 115 34.53 -22.90 -2.31
C ALA E 115 34.24 -21.40 -2.28
N GLY E 116 33.31 -20.93 -3.10
CA GLY E 116 33.04 -19.51 -3.21
C GLY E 116 31.98 -19.22 -4.24
N GLY E 117 31.86 -17.95 -4.59
CA GLY E 117 30.89 -17.51 -5.56
C GLY E 117 31.46 -16.63 -6.66
N VAL E 118 30.59 -16.15 -7.55
CA VAL E 118 31.05 -15.32 -8.65
C VAL E 118 31.32 -13.90 -8.15
N ALA E 119 32.19 -13.19 -8.86
CA ALA E 119 32.48 -11.80 -8.52
C ALA E 119 31.41 -10.89 -9.09
N ILE E 120 31.26 -9.71 -8.47
CA ILE E 120 30.30 -8.71 -8.91
C ILE E 120 31.07 -7.54 -9.53
N LYS E 121 30.83 -7.29 -10.81
CA LYS E 121 31.46 -6.18 -11.50
C LYS E 121 30.80 -4.88 -11.03
N ALA E 122 31.54 -3.78 -11.06
CA ALA E 122 31.05 -2.49 -10.60
C ALA E 122 30.11 -1.91 -11.66
N GLY E 123 28.80 -1.99 -11.40
CA GLY E 123 27.81 -1.47 -12.31
C GLY E 123 27.08 -2.54 -13.10
N SER E 124 26.09 -3.16 -12.48
CA SER E 124 25.31 -4.22 -13.12
C SER E 124 23.96 -4.31 -12.42
N LEU E 125 23.21 -5.35 -12.77
CA LEU E 125 21.89 -5.58 -12.21
C LEU E 125 21.95 -6.67 -11.14
N ILE E 126 21.11 -6.53 -10.11
CA ILE E 126 21.10 -7.47 -9.01
C ILE E 126 19.74 -8.17 -8.95
N ALA E 127 18.69 -7.40 -8.64
CA ALA E 127 17.37 -7.98 -8.44
C ALA E 127 16.31 -6.98 -8.84
N VAL E 128 15.11 -7.50 -9.12
CA VAL E 128 13.96 -6.71 -9.54
C VAL E 128 12.82 -6.93 -8.56
N LEU E 129 12.26 -5.84 -8.04
CA LEU E 129 11.14 -5.89 -7.11
C LEU E 129 10.04 -4.95 -7.58
N ILE E 130 8.80 -5.30 -7.27
CA ILE E 130 7.64 -4.49 -7.60
C ILE E 130 6.93 -4.10 -6.30
N LEU E 131 6.46 -2.86 -6.23
CA LEU E 131 5.82 -2.35 -5.03
C LEU E 131 4.50 -1.68 -5.39
N ARG E 132 3.51 -1.81 -4.52
CA ARG E 132 2.20 -1.17 -4.71
C ARG E 132 1.71 -0.63 -3.38
N GLN E 133 1.10 0.55 -3.42
CA GLN E 133 0.72 1.27 -2.21
C GLN E 133 -0.78 1.55 -2.21
N THR E 134 -1.32 1.70 -1.00
CA THR E 134 -2.72 2.05 -0.81
C THR E 134 -2.83 3.08 0.30
N ASN E 135 -3.89 3.89 0.24
CA ASN E 135 -4.07 4.99 1.16
C ASN E 135 -5.15 4.68 2.19
N ASN E 136 -5.32 5.62 3.12
CA ASN E 136 -6.43 5.54 4.07
C ASN E 136 -7.75 5.98 3.44
N TYR E 137 -7.68 6.75 2.35
CA TYR E 137 -8.87 7.36 1.76
C TYR E 137 -9.28 6.69 0.45
N ASN E 138 -8.46 6.82 -0.59
CA ASN E 138 -8.79 6.28 -1.90
C ASN E 138 -8.78 4.76 -1.88
N SER E 139 -9.68 4.16 -2.65
CA SER E 139 -9.78 2.70 -2.69
C SER E 139 -8.94 2.09 -3.80
N ASP E 140 -8.48 2.90 -4.76
CA ASP E 140 -7.68 2.37 -5.86
C ASP E 140 -6.23 2.16 -5.41
N ASP E 141 -5.44 1.62 -6.32
CA ASP E 141 -4.06 1.25 -6.05
C ASP E 141 -3.15 1.75 -7.17
N PHE E 142 -1.86 1.85 -6.85
CA PHE E 142 -0.84 2.35 -7.77
C PHE E 142 0.43 1.54 -7.56
N GLN E 143 0.84 0.78 -8.57
CA GLN E 143 1.98 -0.11 -8.46
C GLN E 143 3.14 0.36 -9.34
N PHE E 144 4.36 0.06 -8.88
CA PHE E 144 5.57 0.46 -9.59
C PHE E 144 6.67 -0.56 -9.31
N VAL E 145 7.73 -0.49 -10.12
CA VAL E 145 8.78 -1.49 -10.14
C VAL E 145 10.11 -0.83 -9.79
N TRP E 146 10.93 -1.54 -9.00
CA TRP E 146 12.27 -1.10 -8.65
C TRP E 146 13.29 -2.17 -9.07
N ASN E 147 14.43 -1.72 -9.59
CA ASN E 147 15.54 -2.61 -9.88
C ASN E 147 16.79 -2.06 -9.22
N ILE E 148 17.48 -2.91 -8.47
CA ILE E 148 18.68 -2.51 -7.75
C ILE E 148 19.86 -2.53 -8.70
N TYR E 149 20.81 -1.62 -8.50
CA TYR E 149 21.96 -1.49 -9.38
C TYR E 149 23.23 -1.63 -8.53
N ALA E 150 24.29 -2.15 -9.17
CA ALA E 150 25.53 -2.47 -8.46
C ALA E 150 26.45 -1.25 -8.40
N ASN E 151 27.09 -1.05 -7.25
CA ASN E 151 27.96 0.08 -7.03
C ASN E 151 29.34 -0.28 -6.47
N ASN E 152 29.55 -1.54 -6.09
CA ASN E 152 30.80 -1.93 -5.46
C ASN E 152 31.30 -3.23 -6.09
N ASP E 153 32.61 -3.44 -6.02
CA ASP E 153 33.27 -4.60 -6.61
C ASP E 153 33.54 -5.52 -5.41
N VAL E 154 32.63 -6.45 -5.16
CA VAL E 154 32.72 -7.38 -4.05
C VAL E 154 32.41 -8.78 -4.55
N VAL E 155 32.69 -9.78 -3.70
CA VAL E 155 32.42 -11.17 -4.01
C VAL E 155 31.46 -11.74 -2.97
N VAL E 156 30.89 -12.89 -3.31
CA VAL E 156 29.93 -13.58 -2.44
C VAL E 156 30.55 -14.90 -2.00
N PRO E 157 30.61 -15.20 -0.71
CA PRO E 157 31.37 -16.36 -0.26
C PRO E 157 30.68 -17.70 -0.49
N THR E 158 29.36 -17.71 -0.69
CA THR E 158 28.51 -18.93 -0.70
C THR E 158 28.74 -19.65 0.64
N GLY E 159 29.08 -20.93 0.66
CA GLY E 159 29.33 -21.65 1.88
C GLY E 159 30.80 -21.71 2.24
N GLY E 160 31.08 -22.09 3.48
CA GLY E 160 32.43 -22.17 3.97
C GLY E 160 32.99 -20.83 4.39
N CYS E 161 34.27 -20.84 4.73
CA CYS E 161 34.98 -19.64 5.16
C CYS E 161 35.93 -19.23 4.05
N ASP E 162 35.60 -18.14 3.36
CA ASP E 162 36.44 -17.67 2.27
C ASP E 162 37.67 -16.95 2.84
N VAL E 163 38.85 -17.49 2.56
CA VAL E 163 40.10 -16.99 3.10
C VAL E 163 40.98 -16.55 1.94
N SER E 164 41.48 -15.32 2.01
CA SER E 164 42.43 -14.82 1.01
C SER E 164 43.44 -13.88 1.67
#